data_3ZZV
#
_entry.id   3ZZV
#
_cell.length_a   35.740
_cell.length_b   47.770
_cell.length_c   74.600
_cell.angle_alpha   90.00
_cell.angle_beta   100.81
_cell.angle_gamma   90.00
#
_symmetry.space_group_name_H-M   'P 1 21 1'
#
loop_
_entity.id
_entity.type
_entity.pdbx_description
1 polymer 'BAMBL LECTIN'
2 branched alpha-L-fucopyranose-(1-2)-beta-D-galactopyranose-(1-4)-2-acetamido-2-deoxy-beta-D-glucopyranose
3 non-polymer alpha-L-fucopyranose
4 water water
#
_entity_poly.entity_id   1
_entity_poly.type   'polypeptide(L)'
_entity_poly.pdbx_seq_one_letter_code
;MQTAAISWGTTPSIRVYTANGNKITERCYDGSNWYTGAFNQAGDNVSATCWLSGSAVHIRVYATSGGSTTEWCWDGDGWT
RGAYTGL
;
_entity_poly.pdbx_strand_id   A,B,C
#
# COMPACT_ATOMS: atom_id res chain seq x y z
N MET A 1 -11.50 8.09 8.61
CA MET A 1 -11.63 6.97 7.65
C MET A 1 -10.30 6.82 6.95
N GLN A 2 -9.84 5.57 6.80
CA GLN A 2 -8.52 5.30 6.26
C GLN A 2 -8.62 4.02 5.38
N THR A 3 -7.91 3.96 4.25
CA THR A 3 -8.02 2.81 3.34
C THR A 3 -6.65 2.21 2.98
N ALA A 4 -6.72 0.95 2.55
CA ALA A 4 -5.62 0.28 1.89
C ALA A 4 -6.19 -0.35 0.62
N ALA A 5 -5.38 -0.41 -0.40
CA ALA A 5 -5.83 -0.89 -1.68
C ALA A 5 -4.82 -1.88 -2.19
N ILE A 6 -5.32 -2.99 -2.74
CA ILE A 6 -4.49 -3.98 -3.41
C ILE A 6 -5.15 -4.38 -4.73
N SER A 7 -4.34 -4.88 -5.64
CA SER A 7 -4.88 -5.45 -6.89
C SER A 7 -4.06 -6.62 -7.41
N TRP A 8 -4.70 -7.48 -8.17
CA TRP A 8 -3.99 -8.58 -8.80
C TRP A 8 -4.62 -8.99 -10.12
N GLY A 9 -3.84 -9.75 -10.86
CA GLY A 9 -4.25 -10.35 -12.12
C GLY A 9 -4.37 -9.32 -13.23
N THR A 10 -5.00 -9.73 -14.32
CA THR A 10 -5.06 -8.94 -15.53
C THR A 10 -6.36 -8.22 -15.71
N THR A 11 -7.38 -8.59 -14.93
CA THR A 11 -8.73 -8.06 -15.10
C THR A 11 -8.83 -6.54 -14.83
N PRO A 12 -8.31 -6.08 -13.68
CA PRO A 12 -7.76 -6.85 -12.57
C PRO A 12 -8.84 -6.99 -11.53
N SER A 13 -8.51 -7.70 -10.48
CA SER A 13 -9.26 -7.72 -9.29
C SER A 13 -8.72 -6.64 -8.33
N ILE A 14 -9.58 -5.99 -7.60
CA ILE A 14 -9.05 -4.94 -6.69
C ILE A 14 -9.76 -5.14 -5.39
N ARG A 15 -9.03 -4.98 -4.29
CA ARG A 15 -9.68 -4.92 -2.96
C ARG A 15 -9.31 -3.63 -2.24
N VAL A 16 -10.30 -2.99 -1.65
CA VAL A 16 -10.09 -1.76 -0.87
C VAL A 16 -10.64 -2.02 0.50
N TYR A 17 -9.76 -1.95 1.48
CA TYR A 17 -10.08 -2.06 2.89
C TYR A 17 -10.22 -0.68 3.49
N THR A 18 -11.32 -0.47 4.19
CA THR A 18 -11.60 0.80 4.87
C THR A 18 -11.76 0.61 6.39
N ALA A 19 -10.89 1.27 7.14
CA ALA A 19 -11.04 1.42 8.59
C ALA A 19 -11.84 2.68 8.95
N ASN A 20 -12.89 2.48 9.73
CA ASN A 20 -13.78 3.54 10.19
C ASN A 20 -14.43 3.09 11.48
N GLY A 21 -14.33 3.92 12.52
CA GLY A 21 -14.94 3.61 13.81
C GLY A 21 -14.56 2.23 14.35
N ASN A 22 -13.26 1.98 14.38
CA ASN A 22 -12.66 0.67 14.72
C ASN A 22 -13.26 -0.62 14.07
N LYS A 23 -13.89 -0.49 12.90
CA LYS A 23 -14.23 -1.66 12.04
C LYS A 23 -13.54 -1.51 10.69
N ILE A 24 -12.96 -2.59 10.18
CA ILE A 24 -12.44 -2.61 8.83
C ILE A 24 -13.40 -3.42 7.94
N THR A 25 -13.78 -2.87 6.79
CA THR A 25 -14.66 -3.52 5.82
C THR A 25 -13.95 -3.53 4.47
N GLU A 26 -14.52 -4.28 3.56
CA GLU A 26 -13.88 -4.56 2.31
C GLU A 26 -14.86 -4.31 1.17
N ARG A 27 -14.41 -3.57 0.15
CA ARG A 27 -15.08 -3.49 -1.15
C ARG A 27 -14.20 -4.12 -2.24
N CYS A 28 -14.86 -4.85 -3.15
CA CYS A 28 -14.19 -5.75 -4.09
C CYS A 28 -14.65 -5.42 -5.51
N TYR A 29 -13.71 -5.53 -6.44
CA TYR A 29 -14.01 -5.44 -7.86
C TYR A 29 -13.40 -6.65 -8.49
N ASP A 30 -14.17 -7.41 -9.29
CA ASP A 30 -13.61 -8.54 -10.02
C ASP A 30 -13.92 -8.45 -11.52
N GLY A 31 -13.99 -7.22 -12.05
CA GLY A 31 -14.28 -7.01 -13.49
C GLY A 31 -15.69 -6.53 -13.82
N SER A 32 -16.55 -6.39 -12.85
CA SER A 32 -17.91 -5.98 -13.13
C SER A 32 -18.38 -4.83 -12.20
N ASN A 33 -19.26 -5.11 -11.25
CA ASN A 33 -19.68 -4.11 -10.27
C ASN A 33 -18.87 -4.27 -8.99
N TRP A 34 -18.85 -3.20 -8.20
CA TRP A 34 -18.28 -3.26 -6.86
C TRP A 34 -19.28 -3.94 -5.91
N TYR A 35 -18.75 -4.78 -4.99
CA TYR A 35 -19.56 -5.49 -4.01
C TYR A 35 -18.85 -5.50 -2.65
N THR A 36 -19.61 -5.70 -1.60
CA THR A 36 -19.05 -5.72 -0.27
C THR A 36 -18.56 -7.16 0.01
N GLY A 37 -17.27 -7.27 0.36
CA GLY A 37 -16.56 -8.52 0.52
C GLY A 37 -16.77 -9.18 1.86
N ALA A 38 -16.25 -10.39 1.98
CA ALA A 38 -16.48 -11.15 3.22
C ALA A 38 -15.64 -10.66 4.43
N PHE A 39 -14.60 -9.85 4.19
CA PHE A 39 -13.76 -9.35 5.28
C PHE A 39 -14.51 -8.43 6.22
N ASN A 40 -14.42 -8.73 7.50
CA ASN A 40 -15.02 -7.89 8.55
CA ASN A 40 -14.98 -7.85 8.52
C ASN A 40 -14.23 -8.13 9.82
N GLN A 41 -13.42 -7.17 10.24
CA GLN A 41 -12.63 -7.34 11.47
C GLN A 41 -12.37 -6.01 12.10
N ALA A 42 -12.00 -6.06 13.37
CA ALA A 42 -11.74 -4.86 14.13
C ALA A 42 -10.49 -4.19 13.63
N GLY A 43 -10.47 -2.87 13.70
CA GLY A 43 -9.31 -2.12 13.37
C GLY A 43 -9.57 -0.65 13.11
N ASP A 44 -8.64 0.18 13.61
CA ASP A 44 -8.61 1.64 13.31
C ASP A 44 -7.70 2.00 12.16
N ASN A 45 -6.74 1.11 11.86
CA ASN A 45 -5.76 1.34 10.81
C ASN A 45 -5.57 0.02 10.05
N VAL A 46 -5.35 0.11 8.75
CA VAL A 46 -5.22 -1.09 7.90
C VAL A 46 -4.16 -0.92 6.79
N SER A 47 -3.40 -2.00 6.54
CA SER A 47 -2.53 -2.07 5.38
C SER A 47 -2.76 -3.43 4.79
N ALA A 48 -2.34 -3.65 3.56
CA ALA A 48 -2.67 -4.96 2.95
C ALA A 48 -1.67 -5.24 1.86
N THR A 49 -1.49 -6.52 1.54
CA THR A 49 -0.63 -6.90 0.46
C THR A 49 -1.14 -8.24 -0.06
N CYS A 50 -0.83 -8.55 -1.30
CA CYS A 50 -1.30 -9.81 -1.82
C CYS A 50 -0.31 -10.39 -2.80
N TRP A 51 -0.43 -11.68 -3.04
CA TRP A 51 0.33 -12.37 -4.08
C TRP A 51 -0.51 -13.50 -4.70
N LEU A 52 -0.10 -13.91 -5.89
CA LEU A 52 -0.71 -15.03 -6.59
C LEU A 52 0.22 -16.23 -6.59
N SER A 53 -0.35 -17.41 -6.29
CA SER A 53 0.29 -18.69 -6.58
C SER A 53 -0.58 -19.31 -7.64
N GLY A 54 -0.11 -19.24 -8.87
CA GLY A 54 -0.87 -19.79 -9.97
C GLY A 54 -2.16 -19.03 -10.05
N SER A 55 -3.27 -19.74 -9.96
CA SER A 55 -4.56 -19.10 -10.12
C SER A 55 -5.09 -18.58 -8.79
N ALA A 56 -4.43 -18.91 -7.68
CA ALA A 56 -4.95 -18.62 -6.32
C ALA A 56 -4.40 -17.32 -5.75
N VAL A 57 -5.29 -16.47 -5.23
CA VAL A 57 -4.86 -15.23 -4.62
C VAL A 57 -4.71 -15.52 -3.13
N HIS A 58 -3.69 -14.89 -2.57
CA HIS A 58 -3.44 -14.86 -1.12
C HIS A 58 -3.39 -13.43 -0.68
N ILE A 59 -4.11 -13.09 0.39
CA ILE A 59 -4.14 -11.71 0.85
C ILE A 59 -3.70 -11.74 2.27
N ARG A 60 -2.93 -10.76 2.67
CA ARG A 60 -2.71 -10.49 4.13
C ARG A 60 -3.14 -9.06 4.44
N VAL A 61 -4.04 -8.90 5.45
CA VAL A 61 -4.51 -7.61 5.98
C VAL A 61 -3.98 -7.46 7.41
N TYR A 62 -3.33 -6.34 7.65
CA TYR A 62 -2.79 -5.94 8.98
C TYR A 62 -3.72 -4.89 9.57
N ALA A 63 -4.52 -5.35 10.55
CA ALA A 63 -5.57 -4.57 11.22
C ALA A 63 -5.00 -4.09 12.55
N THR A 64 -4.84 -2.78 12.74
CA THR A 64 -4.30 -2.26 14.04
C THR A 64 -5.35 -1.52 14.78
N SER A 65 -5.48 -1.85 16.07
CA SER A 65 -6.29 -1.11 17.02
C SER A 65 -5.46 -0.89 18.28
N GLY A 66 -5.55 0.28 18.90
CA GLY A 66 -4.84 0.51 20.14
C GLY A 66 -3.40 0.37 19.78
N GLY A 67 -2.63 -0.43 20.49
CA GLY A 67 -1.24 -0.57 20.03
C GLY A 67 -0.92 -1.93 19.47
N SER A 68 -1.88 -2.54 18.80
CA SER A 68 -1.87 -3.98 18.54
C SER A 68 -2.30 -4.27 17.09
N THR A 69 -1.49 -5.03 16.35
CA THR A 69 -1.71 -5.35 14.93
C THR A 69 -2.00 -6.82 14.85
N THR A 70 -3.14 -7.18 14.23
CA THR A 70 -3.53 -8.55 13.96
C THR A 70 -3.50 -8.77 12.45
N GLU A 71 -2.84 -9.84 12.02
CA GLU A 71 -2.80 -10.27 10.61
C GLU A 71 -3.93 -11.23 10.32
N TRP A 72 -4.61 -10.99 9.20
CA TRP A 72 -5.76 -11.73 8.77
C TRP A 72 -5.39 -12.26 7.37
N CYS A 73 -5.74 -13.52 7.13
CA CYS A 73 -5.20 -14.25 5.99
C CYS A 73 -6.33 -14.75 5.12
N TRP A 74 -6.22 -14.49 3.80
CA TRP A 74 -7.11 -15.10 2.84
C TRP A 74 -6.22 -16.00 2.01
N ASP A 75 -6.56 -17.28 1.95
CA ASP A 75 -5.84 -18.27 1.14
C ASP A 75 -6.85 -19.16 0.42
N GLY A 76 -8.03 -18.62 0.12
CA GLY A 76 -9.08 -19.33 -0.63
C GLY A 76 -10.23 -19.96 0.14
N ASP A 77 -10.09 -20.10 1.46
CA ASP A 77 -11.16 -20.77 2.25
C ASP A 77 -11.52 -20.03 3.55
N GLY A 78 -11.58 -18.72 3.44
CA GLY A 78 -12.06 -17.91 4.54
C GLY A 78 -10.95 -17.20 5.24
N TRP A 79 -11.34 -16.18 6.01
CA TRP A 79 -10.33 -15.34 6.65
C TRP A 79 -9.88 -15.92 7.96
N THR A 80 -8.56 -16.10 8.13
CA THR A 80 -8.01 -16.75 9.31
C THR A 80 -6.92 -15.92 9.93
N ARG A 81 -6.77 -16.06 11.24
CA ARG A 81 -5.84 -15.24 11.95
C ARG A 81 -4.43 -15.76 11.60
N GLY A 82 -3.54 -14.85 11.25
CA GLY A 82 -2.16 -15.19 10.91
C GLY A 82 -1.21 -15.16 12.09
N ALA A 83 0.05 -15.56 11.85
CA ALA A 83 1.07 -15.73 12.91
C ALA A 83 1.83 -14.44 13.27
N TYR A 84 1.60 -13.37 12.50
CA TYR A 84 2.29 -12.11 12.68
C TYR A 84 2.15 -11.63 14.12
N THR A 85 3.25 -11.19 14.68
CA THR A 85 3.27 -10.42 15.88
C THR A 85 4.15 -9.21 15.58
N GLY A 86 3.88 -8.13 16.29
CA GLY A 86 4.67 -6.91 16.16
C GLY A 86 5.88 -6.92 17.09
N LEU A 87 6.48 -5.74 17.20
CA LEU A 87 7.63 -5.48 18.05
C LEU A 87 7.27 -5.89 19.47
N MET B 1 -1.10 3.89 15.99
CA MET B 1 -0.10 3.06 15.25
C MET B 1 -0.58 2.94 13.80
N GLN B 2 0.33 2.96 12.85
CA GLN B 2 -0.03 2.88 11.44
C GLN B 2 0.96 1.96 10.77
N THR B 3 0.48 1.13 9.85
CA THR B 3 1.37 0.15 9.18
C THR B 3 1.34 0.29 7.66
N ALA B 4 2.40 -0.23 7.03
CA ALA B 4 2.40 -0.46 5.59
C ALA B 4 2.90 -1.87 5.37
N ALA B 5 2.39 -2.56 4.32
CA ALA B 5 2.79 -3.93 4.10
C ALA B 5 3.13 -4.12 2.62
N ILE B 6 4.22 -4.84 2.36
CA ILE B 6 4.70 -5.24 1.01
C ILE B 6 5.01 -6.73 0.99
N SER B 7 5.00 -7.34 -0.19
CA SER B 7 5.37 -8.73 -0.28
C SER B 7 5.98 -8.97 -1.66
N TRP B 8 6.76 -10.01 -1.78
CA TRP B 8 7.35 -10.37 -3.09
C TRP B 8 7.57 -11.87 -3.21
N GLY B 9 7.78 -12.32 -4.46
CA GLY B 9 8.07 -13.72 -4.69
C GLY B 9 6.91 -14.66 -4.41
N THR B 10 7.22 -15.95 -4.27
CA THR B 10 6.20 -16.97 -4.13
C THR B 10 6.16 -17.61 -2.75
N THR B 11 7.19 -17.42 -1.92
CA THR B 11 7.20 -18.06 -0.59
C THR B 11 5.93 -17.69 0.22
N PRO B 12 5.57 -16.38 0.34
CA PRO B 12 6.23 -15.15 -0.11
C PRO B 12 7.14 -14.58 0.98
N SER B 13 7.87 -13.50 0.67
CA SER B 13 8.47 -12.67 1.71
C SER B 13 7.53 -11.49 1.94
N ILE B 14 7.38 -11.08 3.21
CA ILE B 14 6.51 -9.97 3.59
C ILE B 14 7.32 -9.02 4.45
N ARG B 15 7.12 -7.74 4.28
CA ARG B 15 7.64 -6.79 5.25
C ARG B 15 6.47 -5.94 5.68
N VAL B 16 6.34 -5.75 6.99
CA VAL B 16 5.33 -4.86 7.55
C VAL B 16 6.06 -3.77 8.32
N TYR B 17 5.78 -2.53 7.99
CA TYR B 17 6.42 -1.34 8.59
C TYR B 17 5.41 -0.70 9.50
N THR B 18 5.82 -0.33 10.73
CA THR B 18 4.85 0.17 11.72
C THR B 18 5.40 1.47 12.29
N ALA B 19 4.63 2.54 12.14
CA ALA B 19 4.93 3.84 12.77
C ALA B 19 4.20 3.86 14.10
N ASN B 20 4.97 4.08 15.17
CA ASN B 20 4.39 4.08 16.50
C ASN B 20 5.35 4.83 17.40
N GLY B 21 4.80 5.65 18.30
CA GLY B 21 5.66 6.49 19.14
C GLY B 21 6.67 7.22 18.28
N ASN B 22 6.22 7.75 17.16
CA ASN B 22 7.03 8.64 16.37
C ASN B 22 8.27 7.99 15.72
N LYS B 23 8.34 6.65 15.73
CA LYS B 23 9.36 5.87 15.03
C LYS B 23 8.74 4.72 14.20
N ILE B 24 9.46 4.33 13.17
CA ILE B 24 9.02 3.30 12.24
C ILE B 24 9.96 2.10 12.25
N THR B 25 9.44 0.95 12.60
CA THR B 25 10.20 -0.27 12.69
C THR B 25 9.62 -1.26 11.68
N GLU B 26 10.28 -2.40 11.54
CA GLU B 26 9.99 -3.36 10.49
C GLU B 26 9.91 -4.77 11.04
N ARG B 27 8.87 -5.51 10.67
CA ARG B 27 8.74 -6.93 10.96
C ARG B 27 8.79 -7.68 9.64
N CYS B 28 9.39 -8.86 9.64
CA CYS B 28 9.88 -9.50 8.40
C CYS B 28 9.53 -10.98 8.44
N TYR B 29 9.01 -11.47 7.32
CA TYR B 29 8.69 -12.87 7.14
C TYR B 29 9.37 -13.31 5.86
N ASP B 30 10.16 -14.38 5.96
CA ASP B 30 10.85 -14.96 4.81
C ASP B 30 10.48 -16.41 4.62
N GLY B 31 9.37 -16.85 5.20
CA GLY B 31 8.93 -18.23 5.03
C GLY B 31 8.92 -19.09 6.28
N SER B 32 9.43 -18.59 7.41
CA SER B 32 9.31 -19.32 8.68
C SER B 32 8.72 -18.47 9.81
N ASN B 33 9.57 -17.84 10.60
CA ASN B 33 9.15 -17.06 11.75
C ASN B 33 9.20 -15.61 11.40
N TRP B 34 8.47 -14.80 12.14
CA TRP B 34 8.60 -13.35 11.97
C TRP B 34 9.81 -12.86 12.76
N TYR B 35 10.48 -11.83 12.25
CA TYR B 35 11.61 -11.20 12.96
C TYR B 35 11.66 -9.70 12.73
N THR B 36 12.42 -9.02 13.57
CA THR B 36 12.46 -7.57 13.57
C THR B 36 13.59 -7.13 12.68
N GLY B 37 13.25 -6.37 11.65
CA GLY B 37 14.23 -6.05 10.61
C GLY B 37 15.14 -4.89 10.94
N ALA B 38 16.13 -4.67 10.07
CA ALA B 38 17.08 -3.57 10.19
C ALA B 38 16.51 -2.17 9.96
N PHE B 39 15.39 -2.05 9.25
CA PHE B 39 14.82 -0.73 9.06
C PHE B 39 14.45 -0.09 10.40
N ASN B 40 15.01 1.06 10.66
CA ASN B 40 14.65 1.87 11.80
C ASN B 40 14.90 3.32 11.49
N GLN B 41 13.82 4.09 11.40
CA GLN B 41 13.93 5.51 11.12
C GLN B 41 12.82 6.24 11.82
N ALA B 42 13.01 7.54 11.97
CA ALA B 42 12.02 8.43 12.54
C ALA B 42 10.84 8.61 11.58
N GLY B 43 9.66 8.73 12.17
CA GLY B 43 8.44 9.01 11.41
C GLY B 43 7.15 8.66 12.11
N ASP B 44 6.12 9.42 11.76
CA ASP B 44 4.76 9.24 12.24
C ASP B 44 3.90 8.51 11.20
N ASN B 45 4.40 8.38 9.97
CA ASN B 45 3.65 7.76 8.85
C ASN B 45 4.60 7.05 7.91
N VAL B 46 4.16 5.92 7.36
CA VAL B 46 5.01 5.15 6.47
C VAL B 46 4.19 4.60 5.31
N SER B 47 4.81 4.57 4.13
CA SER B 47 4.26 3.81 2.98
C SER B 47 5.40 3.12 2.35
N ALA B 48 5.12 2.08 1.56
CA ALA B 48 6.26 1.42 0.95
C ALA B 48 5.87 0.70 -0.31
N THR B 49 6.86 0.35 -1.11
CA THR B 49 6.63 -0.38 -2.40
C THR B 49 7.88 -1.16 -2.71
N CYS B 50 7.78 -2.21 -3.54
CA CYS B 50 8.95 -3.01 -3.86
C CYS B 50 8.79 -3.66 -5.22
N TRP B 51 9.90 -4.11 -5.76
CA TRP B 51 9.95 -4.85 -7.01
C TRP B 51 11.13 -5.79 -7.01
N LEU B 52 11.10 -6.77 -7.92
CA LEU B 52 12.17 -7.75 -8.02
C LEU B 52 13.02 -7.48 -9.23
N SER B 53 14.30 -7.74 -9.08
CA SER B 53 15.17 -7.88 -10.22
C SER B 53 15.63 -9.33 -10.25
N GLY B 54 14.91 -10.15 -10.99
CA GLY B 54 15.04 -11.61 -10.87
C GLY B 54 14.55 -12.09 -9.52
N SER B 55 15.49 -12.50 -8.67
CA SER B 55 15.22 -12.89 -7.26
C SER B 55 15.80 -11.91 -6.23
N ALA B 56 16.32 -10.78 -6.68
CA ALA B 56 16.82 -9.75 -5.77
C ALA B 56 15.72 -8.72 -5.52
N VAL B 57 15.35 -8.52 -4.26
CA VAL B 57 14.35 -7.49 -3.90
C VAL B 57 14.92 -6.05 -3.81
N HIS B 58 14.07 -5.09 -4.15
CA HIS B 58 14.33 -3.69 -4.02
C HIS B 58 13.12 -3.07 -3.32
N ILE B 59 13.38 -2.31 -2.25
CA ILE B 59 12.31 -1.78 -1.43
C ILE B 59 12.51 -0.26 -1.34
N ARG B 60 11.42 0.49 -1.43
CA ARG B 60 11.48 1.92 -1.17
C ARG B 60 10.47 2.16 -0.04
N VAL B 61 10.95 2.79 1.04
CA VAL B 61 10.11 3.14 2.17
C VAL B 61 10.10 4.63 2.32
N TYR B 62 8.91 5.21 2.45
CA TYR B 62 8.68 6.66 2.48
C TYR B 62 8.22 7.00 3.90
N ALA B 63 9.16 7.58 4.68
CA ALA B 63 8.96 7.83 6.10
C ALA B 63 8.68 9.30 6.20
N THR B 64 7.59 9.65 6.87
CA THR B 64 7.18 11.03 6.93
C THR B 64 7.17 11.46 8.39
N SER B 65 7.72 12.64 8.63
CA SER B 65 7.89 13.20 9.95
C SER B 65 7.81 14.74 9.76
N GLY B 66 6.84 15.37 10.42
CA GLY B 66 6.48 16.77 10.11
C GLY B 66 5.91 16.84 8.70
N GLY B 67 6.17 17.95 8.01
CA GLY B 67 5.78 18.10 6.61
C GLY B 67 6.84 17.61 5.65
N SER B 68 7.63 16.63 6.07
CA SER B 68 8.68 16.14 5.18
C SER B 68 8.81 14.61 5.15
N THR B 69 9.02 14.12 3.95
CA THR B 69 9.11 12.69 3.70
C THR B 69 10.52 12.37 3.24
N THR B 70 11.10 11.33 3.84
CA THR B 70 12.40 10.80 3.47
C THR B 70 12.21 9.40 2.86
N GLU B 71 12.81 9.15 1.71
CA GLU B 71 12.76 7.81 1.06
C GLU B 71 13.99 7.00 1.48
N TRP B 72 13.76 5.73 1.80
CA TRP B 72 14.79 4.81 2.24
C TRP B 72 14.84 3.65 1.25
N CYS B 73 16.05 3.25 0.87
CA CYS B 73 16.27 2.29 -0.22
C CYS B 73 16.98 1.03 0.25
N TRP B 74 16.41 -0.14 -0.06
CA TRP B 74 17.06 -1.42 0.15
C TRP B 74 17.27 -2.00 -1.24
N ASP B 75 18.51 -2.32 -1.58
CA ASP B 75 18.83 -2.91 -2.88
C ASP B 75 19.85 -4.02 -2.71
N GLY B 76 19.77 -4.74 -1.58
CA GLY B 76 20.59 -5.90 -1.32
C GLY B 76 21.70 -5.70 -0.30
N ASP B 77 22.00 -4.45 0.07
CA ASP B 77 23.24 -4.13 0.82
C ASP B 77 23.03 -3.00 1.83
N GLY B 78 21.99 -3.14 2.65
CA GLY B 78 21.70 -2.12 3.65
C GLY B 78 20.76 -1.03 3.18
N TRP B 79 20.32 -0.24 4.14
CA TRP B 79 19.43 0.86 3.85
C TRP B 79 20.16 2.15 3.61
N THR B 80 19.76 2.83 2.54
CA THR B 80 20.39 4.06 2.11
C THR B 80 19.31 5.11 1.85
N ARG B 81 19.62 6.38 2.16
CA ARG B 81 18.65 7.42 1.93
C ARG B 81 18.57 7.60 0.44
N GLY B 82 17.34 7.85 -0.05
CA GLY B 82 17.07 7.99 -1.47
C GLY B 82 16.82 9.43 -1.90
N ALA B 83 16.82 9.62 -3.21
CA ALA B 83 16.71 10.93 -3.81
C ALA B 83 15.36 11.63 -3.67
N TYR B 84 14.30 10.91 -3.26
CA TYR B 84 12.99 11.53 -3.12
C TYR B 84 12.95 12.90 -2.39
N THR B 85 12.41 13.90 -3.06
CA THR B 85 12.02 15.15 -2.42
C THR B 85 10.55 15.39 -2.67
N GLY B 86 9.85 15.90 -1.65
CA GLY B 86 8.45 16.23 -1.77
C GLY B 86 8.20 17.49 -2.58
N LEU B 87 7.00 18.04 -2.42
CA LEU B 87 6.67 19.34 -3.00
C LEU B 87 7.60 20.35 -2.34
N MET C 1 0.34 14.32 7.98
CA MET C 1 0.72 14.07 6.57
C MET C 1 0.84 12.57 6.32
N GLN C 2 0.31 12.13 5.20
CA GLN C 2 0.14 10.70 4.96
C GLN C 2 0.42 10.41 3.48
N THR C 3 1.17 9.34 3.18
CA THR C 3 1.53 8.99 1.80
C THR C 3 1.06 7.60 1.37
N ALA C 4 1.08 7.40 0.07
CA ALA C 4 0.94 6.08 -0.55
C ALA C 4 1.96 5.97 -1.69
N ALA C 5 2.49 4.78 -1.90
CA ALA C 5 3.55 4.54 -2.87
C ALA C 5 3.21 3.32 -3.71
N ILE C 6 3.36 3.46 -5.04
CA ILE C 6 3.31 2.33 -5.99
C ILE C 6 4.52 2.37 -6.90
N SER C 7 4.81 1.25 -7.56
CA SER C 7 5.87 1.17 -8.54
C SER C 7 5.46 0.19 -9.61
N TRP C 8 6.14 0.26 -10.75
CA TRP C 8 5.92 -0.70 -11.83
C TRP C 8 7.06 -0.65 -12.80
N GLY C 9 7.17 -1.71 -13.63
CA GLY C 9 8.19 -1.80 -14.72
C GLY C 9 9.57 -2.20 -14.23
N THR C 10 10.52 -2.30 -15.14
CA THR C 10 11.88 -2.72 -14.78
C THR C 10 12.78 -1.54 -14.34
N THR C 11 12.37 -0.30 -14.60
CA THR C 11 13.21 0.87 -14.31
C THR C 11 13.50 1.03 -12.81
N PRO C 12 12.47 1.06 -11.93
CA PRO C 12 11.04 1.08 -12.15
C PRO C 12 10.55 2.51 -12.16
N SER C 13 9.30 2.70 -12.60
CA SER C 13 8.56 3.91 -12.29
C SER C 13 8.03 3.81 -10.86
N ILE C 14 7.93 4.98 -10.21
CA ILE C 14 7.36 5.11 -8.87
C ILE C 14 6.45 6.29 -8.84
N ARG C 15 5.33 6.15 -8.11
CA ARG C 15 4.47 7.27 -7.79
C ARG C 15 4.31 7.33 -6.31
N VAL C 16 4.44 8.54 -5.73
CA VAL C 16 4.17 8.73 -4.33
C VAL C 16 3.10 9.81 -4.18
N TYR C 17 2.01 9.43 -3.52
CA TYR C 17 0.83 10.27 -3.29
C TYR C 17 0.87 10.78 -1.87
N THR C 18 0.79 12.09 -1.70
CA THR C 18 0.79 12.69 -0.37
C THR C 18 -0.46 13.47 -0.06
N ALA C 19 -1.05 13.15 1.08
CA ALA C 19 -2.24 13.84 1.58
C ALA C 19 -1.82 14.80 2.67
N ASN C 20 -1.95 16.08 2.39
CA ASN C 20 -1.72 17.11 3.39
C ASN C 20 -2.64 18.27 3.13
N GLY C 21 -3.34 18.72 4.17
CA GLY C 21 -4.25 19.85 4.09
C GLY C 21 -5.47 19.54 3.24
N ASN C 22 -5.85 18.27 3.23
CA ASN C 22 -6.92 17.77 2.37
C ASN C 22 -6.71 17.97 0.86
N LYS C 23 -5.45 18.03 0.43
CA LYS C 23 -5.12 17.93 -0.99
C LYS C 23 -4.18 16.74 -1.12
N ILE C 24 -4.28 16.03 -2.24
CA ILE C 24 -3.36 14.98 -2.55
C ILE C 24 -2.61 15.33 -3.80
N THR C 25 -1.29 15.32 -3.70
CA THR C 25 -0.43 15.60 -4.82
C THR C 25 0.41 14.39 -5.14
N GLU C 26 1.08 14.45 -6.29
CA GLU C 26 1.82 13.31 -6.83
C GLU C 26 3.26 13.60 -7.30
N ARG C 27 4.23 12.88 -6.73
CA ARG C 27 5.62 12.96 -7.18
C ARG C 27 5.93 11.68 -7.91
N CYS C 28 6.67 11.79 -9.02
CA CYS C 28 6.91 10.69 -9.94
C CYS C 28 8.38 10.45 -10.23
N TYR C 29 8.70 9.22 -10.57
CA TYR C 29 10.02 8.86 -10.94
C TYR C 29 9.90 7.92 -12.13
N ASP C 30 10.48 8.31 -13.25
CA ASP C 30 10.52 7.44 -14.43
C ASP C 30 11.95 7.09 -14.83
N GLY C 31 12.87 7.13 -13.88
CA GLY C 31 14.24 6.71 -14.10
C GLY C 31 15.26 7.84 -13.97
N SER C 32 14.78 9.07 -13.95
CA SER C 32 15.62 10.25 -14.05
C SER C 32 15.43 11.14 -12.79
N ASN C 33 14.67 12.22 -12.92
CA ASN C 33 14.40 13.19 -11.86
C ASN C 33 13.06 12.90 -11.19
N TRP C 34 12.90 13.31 -9.93
CA TRP C 34 11.57 13.29 -9.34
C TRP C 34 10.88 14.52 -9.90
N TYR C 35 9.57 14.45 -10.03
CA TYR C 35 8.82 15.52 -10.64
C TYR C 35 7.41 15.45 -10.15
N THR C 36 6.77 16.60 -10.09
CA THR C 36 5.39 16.71 -9.69
C THR C 36 4.50 16.21 -10.86
N GLY C 37 3.55 15.33 -10.54
CA GLY C 37 2.75 14.68 -11.56
C GLY C 37 1.40 15.34 -11.79
N ALA C 38 0.72 14.90 -12.84
CA ALA C 38 -0.56 15.47 -13.22
C ALA C 38 -1.64 15.30 -12.15
N PHE C 39 -1.50 14.32 -11.25
CA PHE C 39 -2.56 14.06 -10.29
C PHE C 39 -2.68 15.13 -9.24
N ASN C 40 -3.87 15.72 -9.13
CA ASN C 40 -4.35 16.17 -7.83
C ASN C 40 -5.83 16.42 -7.66
N GLN C 41 -6.26 16.09 -6.45
CA GLN C 41 -7.65 15.99 -6.08
C GLN C 41 -7.67 16.14 -4.58
N ALA C 42 -8.85 16.44 -4.06
CA ALA C 42 -9.06 16.54 -2.63
C ALA C 42 -8.88 15.16 -1.94
N GLY C 43 -8.45 15.20 -0.70
CA GLY C 43 -8.38 14.00 0.12
C GLY C 43 -7.39 14.27 1.23
N ASP C 44 -7.70 13.73 2.41
CA ASP C 44 -6.79 13.72 3.56
C ASP C 44 -6.23 12.34 3.93
N ASN C 45 -6.74 11.29 3.28
CA ASN C 45 -6.12 9.99 3.41
C ASN C 45 -6.07 9.43 2.02
N VAL C 46 -5.05 8.62 1.72
CA VAL C 46 -4.79 8.14 0.35
C VAL C 46 -4.22 6.69 0.31
N SER C 47 -4.82 5.84 -0.52
CA SER C 47 -4.14 4.61 -0.87
C SER C 47 -4.15 4.53 -2.38
N ALA C 48 -3.35 3.61 -2.88
CA ALA C 48 -3.14 3.43 -4.31
C ALA C 48 -2.68 2.03 -4.70
N THR C 49 -3.02 1.65 -5.92
CA THR C 49 -2.55 0.41 -6.47
C THR C 49 -2.46 0.56 -7.97
N CYS C 50 -1.79 -0.35 -8.62
CA CYS C 50 -1.56 -0.20 -10.06
C CYS C 50 -1.26 -1.56 -10.67
N TRP C 51 -1.43 -1.64 -11.99
CA TRP C 51 -1.10 -2.84 -12.73
C TRP C 51 -0.75 -2.44 -14.15
N LEU C 52 -0.13 -3.37 -14.86
CA LEU C 52 0.22 -3.14 -16.27
C LEU C 52 -0.59 -4.03 -17.22
N SER C 53 -0.90 -3.48 -18.38
N SER C 53 -0.88 -3.48 -18.38
CA SER C 53 -1.36 -4.29 -19.52
CA SER C 53 -1.35 -4.28 -19.52
C SER C 53 -0.25 -4.41 -20.59
C SER C 53 -0.24 -4.46 -20.59
N GLY C 54 1.00 -4.14 -20.19
CA GLY C 54 2.14 -4.00 -21.14
C GLY C 54 2.86 -2.67 -20.97
N SER C 55 2.73 -1.67 -21.87
CA SER C 55 1.75 -1.47 -22.98
C SER C 55 1.07 -0.17 -22.55
N ALA C 56 0.59 -0.21 -21.29
CA ALA C 56 -0.05 0.89 -20.58
C ALA C 56 0.00 0.61 -19.08
N VAL C 57 0.29 1.64 -18.29
CA VAL C 57 0.08 1.57 -16.84
C VAL C 57 -1.34 1.97 -16.51
N HIS C 58 -1.87 1.34 -15.45
CA HIS C 58 -3.15 1.66 -14.90
C HIS C 58 -2.99 1.85 -13.39
N ILE C 59 -3.49 2.97 -12.91
CA ILE C 59 -3.34 3.43 -11.52
C ILE C 59 -4.71 3.73 -10.97
N ARG C 60 -4.98 3.26 -9.75
CA ARG C 60 -6.13 3.67 -9.05
C ARG C 60 -5.70 4.27 -7.73
N VAL C 61 -6.25 5.45 -7.48
CA VAL C 61 -5.99 6.20 -6.26
C VAL C 61 -7.29 6.35 -5.53
N TYR C 62 -7.25 6.03 -4.24
CA TYR C 62 -8.39 6.13 -3.35
C TYR C 62 -8.24 7.28 -2.37
N ALA C 63 -8.96 8.36 -2.66
CA ALA C 63 -8.90 9.60 -1.90
C ALA C 63 -10.06 9.66 -0.95
N THR C 64 -9.75 9.72 0.33
CA THR C 64 -10.81 9.79 1.33
C THR C 64 -10.84 11.20 1.90
N SER C 65 -12.01 11.84 1.83
CA SER C 65 -12.23 13.13 2.47
C SER C 65 -13.43 12.92 3.34
N GLY C 66 -13.20 13.08 4.64
CA GLY C 66 -14.19 12.77 5.64
C GLY C 66 -14.53 11.30 5.55
N GLY C 67 -15.82 11.02 5.63
CA GLY C 67 -16.32 9.67 5.48
C GLY C 67 -16.59 9.17 4.06
N SER C 68 -16.03 9.81 3.03
CA SER C 68 -16.23 9.34 1.66
C SER C 68 -14.95 9.05 0.88
N THR C 69 -14.86 7.84 0.30
CA THR C 69 -13.72 7.51 -0.58
C THR C 69 -14.09 7.65 -2.06
N THR C 70 -13.26 8.38 -2.81
CA THR C 70 -13.35 8.51 -4.24
C THR C 70 -12.20 7.85 -4.89
N GLU C 71 -12.50 7.08 -5.93
CA GLU C 71 -11.52 6.44 -6.74
C GLU C 71 -11.21 7.31 -7.95
N TRP C 72 -9.91 7.52 -8.21
CA TRP C 72 -9.44 8.22 -9.39
C TRP C 72 -8.57 7.31 -10.20
N CYS C 73 -8.81 7.31 -11.52
CA CYS C 73 -8.24 6.34 -12.45
C CYS C 73 -7.28 6.92 -13.52
N TRP C 74 -6.07 6.40 -13.58
CA TRP C 74 -5.18 6.60 -14.72
C TRP C 74 -5.12 5.36 -15.57
N ASP C 75 -5.53 5.53 -16.82
CA ASP C 75 -5.46 4.46 -17.78
C ASP C 75 -4.80 4.95 -19.04
N GLY C 76 -3.83 5.84 -18.89
CA GLY C 76 -2.87 6.12 -19.95
C GLY C 76 -3.06 7.47 -20.62
N ASP C 77 -4.23 8.07 -20.45
CA ASP C 77 -4.48 9.39 -21.02
C ASP C 77 -5.43 10.23 -20.15
N GLY C 78 -4.99 10.56 -18.94
CA GLY C 78 -5.77 11.42 -18.05
C GLY C 78 -6.36 10.72 -16.82
N TRP C 79 -6.61 11.50 -15.77
CA TRP C 79 -7.30 11.04 -14.58
C TRP C 79 -8.80 11.15 -14.78
N THR C 80 -9.50 10.03 -14.56
CA THR C 80 -10.96 9.97 -14.63
C THR C 80 -11.47 9.36 -13.34
N ARG C 81 -12.72 9.71 -13.02
CA ARG C 81 -13.38 9.21 -11.80
C ARG C 81 -13.82 7.74 -11.96
N GLY C 82 -13.49 6.93 -10.98
CA GLY C 82 -13.83 5.53 -11.03
C GLY C 82 -15.19 5.15 -10.51
N ALA C 83 -15.59 3.91 -10.86
CA ALA C 83 -16.89 3.39 -10.46
C ALA C 83 -17.03 3.04 -8.97
N TYR C 84 -15.91 2.99 -8.24
CA TYR C 84 -15.93 2.69 -6.79
C TYR C 84 -16.90 3.51 -6.00
N THR C 85 -17.68 2.82 -5.17
CA THR C 85 -18.39 3.48 -4.08
C THR C 85 -18.12 2.66 -2.84
N GLY C 86 -18.45 3.20 -1.68
CA GLY C 86 -18.21 2.52 -0.41
C GLY C 86 -19.33 1.58 0.01
N LEU C 87 -19.46 1.38 1.32
CA LEU C 87 -20.46 0.45 1.85
C LEU C 87 -21.90 0.81 1.48
#